data_6IOS
#
_entry.id   6IOS
#
_cell.length_a   59.110
_cell.length_b   111.200
_cell.length_c   113.260
_cell.angle_alpha   90.00
_cell.angle_beta   90.00
_cell.angle_gamma   90.00
#
_symmetry.space_group_name_H-M   'I 21 21 21'
#
loop_
_entity.id
_entity.type
_entity.pdbx_description
1 polymer 'Methyl-accepting chemotaxis protein'
2 non-polymer PROLINE
3 non-polymer 'CALCIUM ION'
4 non-polymer 'ACETATE ION'
5 non-polymer 2-AMINO-2-HYDROXYMETHYL-PROPANE-1,3-DIOL
6 water water
#
_entity_poly.entity_id   1
_entity_poly.type   'polypeptide(L)'
_entity_poly.pdbx_seq_one_letter_code
;GPLGSVREEIESLVQDSLMEMVKGVKNTIESDLASKKGLAQSTTEILQLDPTNKAFAKSVLESPNLKGSFLAIGLGYESD
ATVVENDDGWEPNADYDPRKRPWYVDAKRERKLVVTEPYVDISTKKIIISIGTPVYQQSNFVGAMFYDVELTQLAQLVNS
VNLFDAGYLFITTKDGVTIAHPNAENNGEKFSQFLPNVDLKEGTQRIELDGKYYLVKFAQVPSESWYIGAVVDESIAFAM
VDDLRHSSLIHHHHHH
;
_entity_poly.pdbx_strand_id   A
#
loop_
_chem_comp.id
_chem_comp.type
_chem_comp.name
_chem_comp.formula
ACT non-polymer 'ACETATE ION' 'C2 H3 O2 -1'
CA non-polymer 'CALCIUM ION' 'Ca 2'
TRS non-polymer 2-AMINO-2-HYDROXYMETHYL-PROPANE-1,3-DIOL 'C4 H12 N O3 1'
#
# COMPACT_ATOMS: atom_id res chain seq x y z
N VAL A 6 11.52 38.68 4.16
CA VAL A 6 11.32 37.91 5.38
C VAL A 6 10.34 36.77 5.16
N ARG A 7 9.24 37.05 4.49
CA ARG A 7 8.26 36.01 4.29
C ARG A 7 8.87 34.92 3.41
N GLU A 8 9.57 35.35 2.37
CA GLU A 8 10.23 34.41 1.46
C GLU A 8 11.40 33.68 2.14
N GLU A 9 11.94 34.27 3.20
CA GLU A 9 12.97 33.60 3.97
C GLU A 9 12.40 32.40 4.72
N ILE A 10 11.26 32.61 5.38
CA ILE A 10 10.62 31.56 6.17
C ILE A 10 9.94 30.57 5.23
N GLU A 11 9.33 31.10 4.18
CA GLU A 11 8.69 30.32 3.13
C GLU A 11 9.63 29.29 2.49
N SER A 12 10.85 29.70 2.13
CA SER A 12 11.75 28.79 1.41
C SER A 12 12.40 27.75 2.36
N LEU A 13 12.34 28.02 3.65
CA LEU A 13 12.78 27.04 4.65
C LEU A 13 11.69 26.04 5.00
N VAL A 14 10.44 26.49 5.02
CA VAL A 14 9.32 25.58 5.19
C VAL A 14 9.26 24.63 3.99
N GLN A 15 9.31 25.21 2.79
CA GLN A 15 9.31 24.46 1.54
C GLN A 15 10.37 23.37 1.50
N ASP A 16 11.52 23.70 2.04
CA ASP A 16 12.68 22.83 1.90
C ASP A 16 12.69 21.77 2.99
N SER A 17 12.18 22.14 4.18
CA SER A 17 11.96 21.18 5.25
C SER A 17 10.83 20.22 4.85
N LEU A 18 9.88 20.75 4.09
CA LEU A 18 8.80 19.95 3.55
C LEU A 18 9.34 18.99 2.48
N MET A 19 10.39 19.43 1.78
CA MET A 19 11.09 18.62 0.79
C MET A 19 11.76 17.41 1.44
N GLU A 20 12.51 17.70 2.51
CA GLU A 20 13.15 16.71 3.37
C GLU A 20 12.26 15.55 3.80
N MET A 21 11.13 15.91 4.41
CA MET A 21 10.27 14.93 5.08
C MET A 21 9.63 14.00 4.06
N VAL A 22 9.25 14.54 2.91
CA VAL A 22 8.57 13.77 1.90
C VAL A 22 9.53 12.81 1.17
N LYS A 23 10.70 13.30 0.77
CA LYS A 23 11.67 12.42 0.13
C LYS A 23 12.13 11.38 1.15
N GLY A 24 12.16 11.78 2.41
CA GLY A 24 12.48 10.85 3.48
C GLY A 24 11.41 9.78 3.62
N VAL A 25 10.17 10.16 3.36
CA VAL A 25 9.07 9.23 3.52
C VAL A 25 8.96 8.33 2.27
N LYS A 26 9.16 8.92 1.10
CA LYS A 26 9.17 8.17 -0.14
C LYS A 26 10.17 7.03 -0.07
N ASN A 27 11.40 7.33 0.33
CA ASN A 27 12.42 6.30 0.52
C ASN A 27 12.03 5.24 1.53
N THR A 28 11.47 5.65 2.67
CA THR A 28 11.00 4.68 3.64
C THR A 28 9.90 3.78 3.07
N ILE A 29 9.03 4.32 2.21
CA ILE A 29 7.92 3.52 1.68
C ILE A 29 8.46 2.57 0.62
N GLU A 30 9.38 3.08 -0.22
CA GLU A 30 10.00 2.23 -1.22
C GLU A 30 10.82 1.09 -0.59
N SER A 31 11.48 1.37 0.54
CA SER A 31 12.24 0.34 1.24
C SER A 31 11.35 -0.75 1.83
N ASP A 32 10.28 -0.35 2.52
CA ASP A 32 9.38 -1.31 3.12
C ASP A 32 8.65 -2.11 2.04
N LEU A 33 8.36 -1.45 0.94
CA LEU A 33 7.69 -2.13 -0.18
C LEU A 33 8.62 -3.18 -0.78
N ALA A 34 9.87 -2.78 -1.01
CA ALA A 34 10.88 -3.68 -1.57
C ALA A 34 11.12 -4.86 -0.63
N SER A 35 11.12 -4.57 0.66
CA SER A 35 11.28 -5.58 1.68
C SER A 35 10.13 -6.59 1.70
N LYS A 36 8.90 -6.10 1.65
CA LYS A 36 7.74 -6.98 1.57
C LYS A 36 7.77 -7.79 0.28
N LYS A 37 8.17 -7.16 -0.82
CA LYS A 37 8.28 -7.88 -2.09
C LYS A 37 9.33 -8.97 -2.04
N GLY A 38 10.45 -8.73 -1.34
CA GLY A 38 11.47 -9.75 -1.18
C GLY A 38 10.92 -10.93 -0.41
N LEU A 39 10.20 -10.64 0.67
CA LEU A 39 9.65 -11.68 1.53
C LEU A 39 8.60 -12.50 0.78
N ALA A 40 7.81 -11.83 -0.04
CA ALA A 40 6.79 -12.49 -0.86
C ALA A 40 7.39 -13.32 -1.99
N GLN A 41 8.42 -12.80 -2.65
CA GLN A 41 9.07 -13.53 -3.73
C GLN A 41 9.71 -14.82 -3.22
N SER A 42 10.44 -14.72 -2.11
CA SER A 42 11.11 -15.86 -1.52
C SER A 42 10.13 -16.90 -0.99
N THR A 43 9.04 -16.44 -0.40
CA THR A 43 8.02 -17.37 0.10
C THR A 43 7.41 -18.13 -1.06
N THR A 44 7.15 -17.43 -2.16
CA THR A 44 6.56 -18.07 -3.33
C THR A 44 7.51 -19.11 -3.91
N GLU A 45 8.78 -18.74 -4.05
CA GLU A 45 9.80 -19.64 -4.58
C GLU A 45 9.96 -20.89 -3.72
N ILE A 46 9.88 -20.72 -2.40
CA ILE A 46 10.00 -21.84 -1.49
C ILE A 46 8.77 -22.74 -1.60
N LEU A 47 7.60 -22.15 -1.81
CA LEU A 47 6.42 -22.97 -2.00
C LEU A 47 6.53 -23.73 -3.31
N GLN A 48 7.18 -23.13 -4.31
CA GLN A 48 7.38 -23.80 -5.62
C GLN A 48 8.33 -25.02 -5.57
N LEU A 49 8.98 -25.26 -4.43
CA LEU A 49 9.73 -26.51 -4.26
C LEU A 49 8.78 -27.71 -4.24
N ASP A 50 7.52 -27.46 -3.88
CA ASP A 50 6.54 -28.53 -3.82
C ASP A 50 5.13 -27.92 -3.81
N PRO A 51 4.73 -27.33 -4.94
CA PRO A 51 3.60 -26.41 -4.99
C PRO A 51 2.23 -27.02 -4.72
N THR A 52 2.06 -28.32 -4.92
CA THR A 52 0.76 -28.94 -4.68
C THR A 52 0.71 -29.69 -3.34
N ASN A 53 1.82 -29.68 -2.62
CA ASN A 53 1.84 -30.09 -1.23
C ASN A 53 1.27 -28.96 -0.35
N LYS A 54 -0.05 -28.98 -0.18
CA LYS A 54 -0.76 -27.94 0.55
C LYS A 54 -0.44 -27.98 2.04
N ALA A 55 -0.15 -29.16 2.58
CA ALA A 55 0.22 -29.24 4.00
C ALA A 55 1.51 -28.45 4.22
N PHE A 56 2.41 -28.54 3.24
CA PHE A 56 3.67 -27.81 3.28
C PHE A 56 3.39 -26.30 3.28
N ALA A 57 2.53 -25.86 2.38
CA ALA A 57 2.26 -24.44 2.26
C ALA A 57 1.60 -23.94 3.54
N LYS A 58 0.69 -24.73 4.12
CA LYS A 58 0.04 -24.35 5.37
C LYS A 58 1.04 -24.05 6.50
N SER A 59 1.97 -24.96 6.73
CA SER A 59 3.01 -24.78 7.74
C SER A 59 3.85 -23.54 7.52
N VAL A 60 4.28 -23.33 6.28
CA VAL A 60 5.11 -22.18 5.98
C VAL A 60 4.37 -20.89 6.31
N LEU A 61 3.09 -20.82 5.95
CA LEU A 61 2.34 -19.56 6.15
C LEU A 61 2.02 -19.28 7.62
N GLU A 62 2.13 -20.30 8.48
CA GLU A 62 1.96 -20.11 9.92
C GLU A 62 3.28 -19.79 10.66
N SER A 63 4.41 -19.80 9.95
CA SER A 63 5.67 -19.48 10.62
C SER A 63 5.58 -18.01 11.04
N PRO A 64 5.99 -17.70 12.27
CA PRO A 64 5.57 -16.46 12.94
C PRO A 64 6.09 -15.15 12.34
N ASN A 65 7.34 -15.09 11.92
CA ASN A 65 7.84 -13.87 11.34
C ASN A 65 7.09 -13.53 10.05
N LEU A 66 6.92 -14.52 9.18
CA LEU A 66 6.21 -14.30 7.92
C LEU A 66 4.78 -13.91 8.18
N LYS A 67 4.08 -14.70 8.99
CA LYS A 67 2.70 -14.43 9.36
C LYS A 67 2.51 -13.03 9.94
N GLY A 68 3.45 -12.59 10.75
CA GLY A 68 3.37 -11.26 11.34
C GLY A 68 3.77 -10.10 10.43
N SER A 69 4.20 -10.40 9.19
CA SER A 69 4.67 -9.33 8.29
C SER A 69 3.58 -8.84 7.33
N PHE A 70 2.46 -9.54 7.32
CA PHE A 70 1.36 -9.23 6.41
C PHE A 70 0.05 -9.38 7.16
N LEU A 71 -0.97 -8.68 6.70
CA LEU A 71 -2.29 -8.82 7.28
C LEU A 71 -2.77 -10.27 7.15
N ALA A 72 -2.51 -10.89 6.00
CA ALA A 72 -2.95 -12.25 5.73
C ALA A 72 -2.19 -12.73 4.53
N ILE A 73 -1.95 -14.03 4.45
CA ILE A 73 -1.28 -14.65 3.31
C ILE A 73 -2.05 -15.90 2.91
N GLY A 74 -2.14 -16.15 1.60
CA GLY A 74 -2.70 -17.39 1.13
C GLY A 74 -2.34 -17.77 -0.30
N LEU A 75 -2.78 -18.95 -0.70
CA LEU A 75 -2.51 -19.46 -2.03
C LEU A 75 -3.78 -20.10 -2.60
N GLY A 76 -4.27 -19.57 -3.72
CA GLY A 76 -5.39 -20.18 -4.42
C GLY A 76 -4.94 -21.05 -5.59
N TYR A 77 -5.62 -22.17 -5.80
CA TYR A 77 -5.20 -23.14 -6.82
C TYR A 77 -6.08 -23.15 -8.06
N GLU A 78 -5.42 -23.12 -9.22
CA GLU A 78 -6.08 -23.07 -10.51
C GLU A 78 -6.98 -24.26 -10.78
N SER A 79 -6.51 -25.46 -10.44
CA SER A 79 -7.21 -26.68 -10.81
C SER A 79 -8.49 -26.91 -10.01
N ASP A 80 -8.47 -26.61 -8.72
CA ASP A 80 -9.61 -26.97 -7.88
C ASP A 80 -10.25 -25.77 -7.18
N ALA A 81 -9.68 -24.59 -7.37
CA ALA A 81 -10.19 -23.37 -6.76
C ALA A 81 -10.20 -23.43 -5.21
N THR A 82 -9.29 -24.22 -4.65
CA THR A 82 -9.15 -24.25 -3.20
C THR A 82 -8.20 -23.15 -2.74
N VAL A 83 -8.21 -22.91 -1.43
CA VAL A 83 -7.38 -21.87 -0.81
C VAL A 83 -6.66 -22.39 0.42
N VAL A 84 -5.33 -22.26 0.44
CA VAL A 84 -4.56 -22.44 1.66
C VAL A 84 -4.29 -21.06 2.23
N GLU A 85 -4.54 -20.86 3.51
CA GLU A 85 -4.62 -19.49 3.96
C GLU A 85 -4.39 -19.35 5.49
N ASN A 86 -3.70 -18.28 5.92
CA ASN A 86 -3.31 -18.15 7.33
C ASN A 86 -4.10 -17.11 8.12
N ASP A 87 -5.28 -16.75 7.61
CA ASP A 87 -6.14 -15.78 8.27
C ASP A 87 -6.91 -16.48 9.40
N ASP A 88 -6.63 -16.10 10.64
CA ASP A 88 -7.26 -16.77 11.80
C ASP A 88 -8.76 -16.48 11.96
N GLY A 89 -9.28 -15.44 11.32
CA GLY A 89 -10.69 -15.13 11.44
C GLY A 89 -11.44 -15.21 10.12
N TRP A 90 -10.93 -15.96 9.16
CA TRP A 90 -11.61 -16.09 7.88
C TRP A 90 -11.44 -17.45 7.20
N GLU A 91 -12.56 -17.97 6.69
CA GLU A 91 -12.54 -19.15 5.85
C GLU A 91 -13.40 -18.88 4.63
N PRO A 92 -12.99 -19.42 3.47
CA PRO A 92 -13.83 -19.33 2.28
C PRO A 92 -15.11 -20.16 2.44
N ASN A 93 -16.14 -19.84 1.66
CA ASN A 93 -17.28 -20.76 1.49
C ASN A 93 -17.63 -20.86 0.02
N ALA A 94 -18.80 -21.40 -0.27
CA ALA A 94 -19.17 -21.72 -1.65
C ALA A 94 -19.45 -20.47 -2.49
N ASP A 95 -19.39 -19.30 -1.88
CA ASP A 95 -19.46 -18.05 -2.64
C ASP A 95 -18.08 -17.52 -3.02
N TYR A 96 -17.02 -18.19 -2.56
CA TYR A 96 -15.66 -17.69 -2.81
C TYR A 96 -14.91 -18.54 -3.78
N ASP A 97 -14.43 -17.93 -4.85
CA ASP A 97 -13.55 -18.57 -5.81
C ASP A 97 -12.30 -17.70 -5.94
N PRO A 98 -11.14 -18.20 -5.48
CA PRO A 98 -9.88 -17.44 -5.48
C PRO A 98 -9.52 -16.88 -6.86
N ARG A 99 -9.91 -17.61 -7.92
CA ARG A 99 -9.44 -17.30 -9.26
C ARG A 99 -10.12 -16.07 -9.84
N LYS A 100 -11.21 -15.62 -9.23
CA LYS A 100 -11.90 -14.43 -9.67
C LYS A 100 -11.46 -13.16 -8.94
N ARG A 101 -10.53 -13.31 -7.99
CA ARG A 101 -10.06 -12.20 -7.17
C ARG A 101 -8.94 -11.39 -7.85
N PRO A 102 -8.81 -10.11 -7.50
CA PRO A 102 -7.82 -9.23 -8.15
C PRO A 102 -6.35 -9.63 -7.98
N TRP A 103 -5.91 -10.05 -6.79
CA TRP A 103 -4.52 -10.50 -6.62
C TRP A 103 -4.22 -11.66 -7.56
N TYR A 104 -5.21 -12.53 -7.72
CA TYR A 104 -5.08 -13.74 -8.53
C TYR A 104 -5.05 -13.40 -10.02
N VAL A 105 -6.05 -12.66 -10.45
CA VAL A 105 -6.17 -12.25 -11.85
C VAL A 105 -4.97 -11.42 -12.28
N ASP A 106 -4.54 -10.50 -11.43
CA ASP A 106 -3.36 -9.70 -11.75
C ASP A 106 -2.09 -10.54 -11.85
N ALA A 107 -1.83 -11.39 -10.87
CA ALA A 107 -0.65 -12.25 -10.92
C ALA A 107 -0.70 -13.18 -12.13
N LYS A 108 -1.90 -13.69 -12.46
CA LYS A 108 -2.04 -14.54 -13.62
C LYS A 108 -1.78 -13.77 -14.91
N ARG A 109 -2.31 -12.55 -15.00
CA ARG A 109 -2.09 -11.71 -16.18
C ARG A 109 -0.60 -11.35 -16.37
N GLU A 110 0.01 -10.82 -15.32
CA GLU A 110 1.35 -10.27 -15.43
C GLU A 110 2.44 -11.33 -15.44
N ARG A 111 2.11 -12.51 -14.92
CA ARG A 111 3.06 -13.63 -14.77
C ARG A 111 4.31 -13.24 -13.99
N LYS A 112 4.15 -12.31 -13.05
CA LYS A 112 5.18 -11.97 -12.07
C LYS A 112 4.54 -11.29 -10.86
N LEU A 113 5.36 -10.93 -9.88
CA LEU A 113 4.89 -10.22 -8.70
C LEU A 113 4.18 -8.94 -9.07
N VAL A 114 3.03 -8.69 -8.45
CA VAL A 114 2.26 -7.46 -8.68
C VAL A 114 1.82 -6.89 -7.36
N VAL A 115 1.48 -5.61 -7.38
CA VAL A 115 0.80 -4.96 -6.28
C VAL A 115 -0.55 -4.54 -6.82
N THR A 116 -1.63 -5.00 -6.20
CA THR A 116 -2.96 -4.71 -6.70
C THR A 116 -3.33 -3.25 -6.50
N GLU A 117 -4.36 -2.82 -7.24
CA GLU A 117 -5.11 -1.62 -6.91
C GLU A 117 -5.80 -1.87 -5.59
N PRO A 118 -6.23 -0.81 -4.91
CA PRO A 118 -7.03 -1.04 -3.69
C PRO A 118 -8.35 -1.78 -4.01
N TYR A 119 -8.80 -2.65 -3.11
CA TYR A 119 -10.08 -3.34 -3.31
C TYR A 119 -10.61 -3.77 -1.96
N VAL A 120 -11.87 -4.21 -1.93
CA VAL A 120 -12.47 -4.62 -0.68
C VAL A 120 -12.08 -6.07 -0.32
N ASP A 121 -11.45 -6.20 0.85
CA ASP A 121 -11.07 -7.46 1.43
C ASP A 121 -12.31 -8.28 1.81
N ILE A 122 -12.38 -9.53 1.37
CA ILE A 122 -13.54 -10.33 1.73
C ILE A 122 -13.51 -10.66 3.22
N SER A 123 -12.30 -10.72 3.79
CA SER A 123 -12.19 -11.03 5.20
C SER A 123 -12.53 -9.82 6.09
N THR A 124 -11.74 -8.76 6.03
CA THR A 124 -11.95 -7.65 6.95
C THR A 124 -13.04 -6.70 6.50
N LYS A 125 -13.47 -6.82 5.24
CA LYS A 125 -14.44 -5.90 4.64
C LYS A 125 -13.91 -4.46 4.59
N LYS A 126 -12.59 -4.31 4.74
CA LYS A 126 -11.94 -3.03 4.51
C LYS A 126 -11.26 -3.03 3.15
N ILE A 127 -11.08 -1.83 2.61
CA ILE A 127 -10.17 -1.63 1.50
C ILE A 127 -8.75 -2.05 1.90
N ILE A 128 -8.10 -2.83 1.05
CA ILE A 128 -6.71 -3.22 1.24
C ILE A 128 -5.99 -3.14 -0.08
N ILE A 129 -4.67 -3.37 -0.05
CA ILE A 129 -3.96 -3.80 -1.25
C ILE A 129 -3.29 -5.14 -0.99
N SER A 130 -2.81 -5.78 -2.05
CA SER A 130 -2.16 -7.07 -1.92
C SER A 130 -0.99 -7.12 -2.85
N ILE A 131 0.09 -7.76 -2.38
CA ILE A 131 1.06 -8.29 -3.32
C ILE A 131 0.48 -9.59 -3.85
N GLY A 132 0.50 -9.77 -5.16
CA GLY A 132 0.14 -11.04 -5.76
C GLY A 132 1.34 -11.66 -6.45
N THR A 133 1.48 -12.98 -6.32
CA THR A 133 2.50 -13.70 -7.05
C THR A 133 1.92 -14.91 -7.77
N PRO A 134 2.49 -15.24 -8.93
CA PRO A 134 2.13 -16.49 -9.64
C PRO A 134 2.88 -17.68 -9.06
N VAL A 135 2.26 -18.85 -9.10
CA VAL A 135 2.90 -20.08 -8.64
C VAL A 135 3.03 -21.03 -9.82
N TYR A 136 4.24 -21.52 -10.06
CA TYR A 136 4.47 -22.45 -11.16
C TYR A 136 4.99 -23.79 -10.71
N GLN A 137 4.49 -24.82 -11.38
CA GLN A 137 5.10 -26.13 -11.33
C GLN A 137 5.67 -26.40 -12.71
N GLN A 138 7.01 -26.39 -12.80
CA GLN A 138 7.76 -26.54 -14.04
C GLN A 138 7.12 -25.80 -15.21
N SER A 139 6.95 -24.50 -15.03
CA SER A 139 6.42 -23.57 -16.03
C SER A 139 4.96 -23.81 -16.44
N ASN A 140 4.26 -24.69 -15.73
CA ASN A 140 2.80 -24.65 -15.78
C ASN A 140 2.22 -23.83 -14.62
N PHE A 141 1.31 -22.90 -14.93
CA PHE A 141 0.67 -22.05 -13.93
C PHE A 141 -0.25 -22.90 -13.06
N VAL A 142 -0.03 -22.82 -11.75
CA VAL A 142 -0.64 -23.73 -10.81
C VAL A 142 -1.59 -22.97 -9.88
N GLY A 143 -1.39 -21.65 -9.79
CA GLY A 143 -2.20 -20.82 -8.92
C GLY A 143 -1.52 -19.52 -8.58
N ALA A 144 -2.01 -18.82 -7.57
CA ALA A 144 -1.43 -17.53 -7.22
C ALA A 144 -1.52 -17.31 -5.74
N MET A 145 -0.69 -16.41 -5.24
CA MET A 145 -0.66 -16.08 -3.83
C MET A 145 -1.09 -14.64 -3.60
N PHE A 146 -1.65 -14.38 -2.43
CA PHE A 146 -1.86 -13.02 -1.96
C PHE A 146 -1.09 -12.78 -0.66
N TYR A 147 -0.54 -11.57 -0.53
CA TYR A 147 0.03 -11.06 0.73
C TYR A 147 -0.66 -9.73 1.00
N ASP A 148 -1.64 -9.73 1.90
CA ASP A 148 -2.48 -8.57 2.15
C ASP A 148 -1.75 -7.53 3.01
N VAL A 149 -2.00 -6.26 2.70
CA VAL A 149 -1.36 -5.16 3.43
C VAL A 149 -2.44 -4.33 4.11
N GLU A 150 -2.38 -4.24 5.43
CA GLU A 150 -3.35 -3.47 6.21
C GLU A 150 -3.06 -1.98 6.02
N LEU A 151 -4.04 -1.23 5.53
CA LEU A 151 -3.76 0.14 5.09
C LEU A 151 -3.61 1.14 6.24
N THR A 152 -4.26 0.91 7.39
CA THR A 152 -4.03 1.82 8.52
C THR A 152 -2.59 1.68 9.01
N GLN A 153 -2.01 0.49 8.88
CA GLN A 153 -0.61 0.32 9.25
C GLN A 153 0.24 1.05 8.21
N LEU A 154 -0.22 1.05 6.96
CA LEU A 154 0.49 1.84 5.95
C LEU A 154 0.42 3.35 6.28
N ALA A 155 -0.73 3.80 6.76
CA ALA A 155 -0.90 5.21 7.13
C ALA A 155 0.00 5.58 8.31
N GLN A 156 0.16 4.68 9.28
CA GLN A 156 1.10 4.90 10.37
C GLN A 156 2.51 4.99 9.84
N LEU A 157 2.80 4.21 8.81
CA LEU A 157 4.15 4.22 8.26
C LEU A 157 4.47 5.55 7.54
N VAL A 158 3.57 6.05 6.68
CA VAL A 158 3.86 7.33 6.02
C VAL A 158 3.87 8.49 6.97
N ASN A 159 3.13 8.37 8.08
CA ASN A 159 3.04 9.45 9.05
C ASN A 159 4.04 9.26 10.18
N SER A 160 5.21 8.76 9.82
CA SER A 160 6.28 8.45 10.76
C SER A 160 7.21 9.65 10.92
N VAL A 161 6.90 10.73 10.24
CA VAL A 161 7.66 11.95 10.41
C VAL A 161 6.83 13.00 11.15
N ASN A 162 7.52 13.86 11.89
CA ASN A 162 6.88 14.98 12.52
C ASN A 162 6.60 16.04 11.48
N LEU A 163 5.34 16.17 11.08
CA LEU A 163 5.01 17.15 10.06
C LEU A 163 4.67 18.50 10.68
N PHE A 164 5.58 18.99 11.52
CA PHE A 164 5.43 20.23 12.29
C PHE A 164 4.17 20.25 13.19
N ASP A 165 3.42 19.14 13.24
CA ASP A 165 2.06 19.11 13.80
C ASP A 165 1.12 19.99 12.98
N ALA A 166 1.48 20.21 11.71
CA ALA A 166 0.72 21.12 10.84
C ALA A 166 -0.24 20.38 9.91
N GLY A 167 -0.08 19.06 9.81
CA GLY A 167 -0.88 18.28 8.88
C GLY A 167 -0.58 16.80 8.90
N TYR A 168 -0.50 16.19 7.72
CA TYR A 168 -0.33 14.74 7.63
C TYR A 168 0.10 14.30 6.26
N LEU A 169 0.44 13.02 6.16
CA LEU A 169 0.79 12.44 4.88
C LEU A 169 -0.22 11.34 4.51
N PHE A 170 -0.24 11.01 3.23
CA PHE A 170 -1.18 10.05 2.69
C PHE A 170 -0.59 9.54 1.40
N ILE A 171 -1.17 8.48 0.86
CA ILE A 171 -0.68 7.84 -0.37
C ILE A 171 -1.81 7.66 -1.36
N THR A 172 -1.53 7.88 -2.64
CA THR A 172 -2.51 7.56 -3.67
C THR A 172 -1.87 6.73 -4.78
N THR A 173 -2.72 6.03 -5.53
CA THR A 173 -2.26 5.41 -6.76
C THR A 173 -1.95 6.50 -7.77
N LYS A 174 -1.48 6.09 -8.95
CA LYS A 174 -1.20 7.02 -10.05
C LYS A 174 -2.48 7.68 -10.60
N ASP A 175 -3.64 7.11 -10.30
CA ASP A 175 -4.92 7.70 -10.70
C ASP A 175 -5.54 8.56 -9.60
N GLY A 176 -4.82 8.75 -8.50
CA GLY A 176 -5.32 9.53 -7.39
C GLY A 176 -6.27 8.80 -6.46
N VAL A 177 -6.34 7.48 -6.55
CA VAL A 177 -7.17 6.73 -5.63
C VAL A 177 -6.39 6.55 -4.33
N THR A 178 -7.00 6.94 -3.22
CA THR A 178 -6.32 6.94 -1.92
C THR A 178 -6.05 5.53 -1.40
N ILE A 179 -4.78 5.31 -1.04
CA ILE A 179 -4.20 4.05 -0.58
C ILE A 179 -3.97 4.07 0.94
N ALA A 180 -3.69 5.25 1.47
CA ALA A 180 -3.40 5.38 2.90
C ALA A 180 -3.75 6.78 3.35
N HIS A 181 -4.40 6.88 4.50
CA HIS A 181 -4.82 8.16 5.02
C HIS A 181 -5.05 7.99 6.51
N PRO A 182 -4.74 9.02 7.31
CA PRO A 182 -5.01 8.96 8.74
C PRO A 182 -6.46 8.54 9.04
N ASN A 183 -7.39 8.94 8.19
CA ASN A 183 -8.75 8.43 8.25
C ASN A 183 -8.99 7.42 7.15
N ALA A 184 -9.00 6.14 7.55
CA ALA A 184 -9.13 5.04 6.62
C ALA A 184 -10.40 5.10 5.77
N GLU A 185 -11.42 5.82 6.22
CA GLU A 185 -12.64 6.02 5.43
C GLU A 185 -12.32 6.58 4.05
N ASN A 186 -11.21 7.29 3.92
CA ASN A 186 -10.78 7.87 2.64
C ASN A 186 -10.16 6.84 1.69
N ASN A 187 -9.73 5.69 2.22
CA ASN A 187 -9.12 4.70 1.36
C ASN A 187 -10.13 4.20 0.34
N GLY A 188 -9.71 4.12 -0.92
CA GLY A 188 -10.60 3.68 -1.99
C GLY A 188 -11.27 4.83 -2.69
N GLU A 189 -11.20 6.03 -2.10
CA GLU A 189 -11.75 7.24 -2.73
C GLU A 189 -10.66 8.03 -3.45
N LYS A 190 -11.03 8.72 -4.51
CA LYS A 190 -10.13 9.70 -5.11
C LYS A 190 -9.79 10.77 -4.04
N PHE A 191 -8.54 11.22 -4.01
CA PHE A 191 -8.09 12.12 -2.93
C PHE A 191 -8.77 13.49 -2.96
N SER A 192 -9.37 13.86 -4.09
CA SER A 192 -10.08 15.12 -4.21
C SER A 192 -11.25 15.22 -3.24
N GLN A 193 -11.72 14.08 -2.76
CA GLN A 193 -12.72 14.03 -1.68
C GLN A 193 -12.35 14.82 -0.42
N PHE A 194 -11.08 14.76 -0.01
CA PHE A 194 -10.64 15.45 1.22
C PHE A 194 -9.68 16.59 0.90
N LEU A 195 -9.18 16.60 -0.33
CA LEU A 195 -8.20 17.58 -0.77
C LEU A 195 -8.55 18.07 -2.18
N PRO A 196 -9.59 18.91 -2.27
CA PRO A 196 -10.11 19.37 -3.56
C PRO A 196 -9.26 20.48 -4.18
N ASN A 197 -9.47 20.73 -5.48
CA ASN A 197 -8.74 21.72 -6.27
C ASN A 197 -7.22 21.53 -6.27
N VAL A 198 -6.80 20.28 -6.06
CA VAL A 198 -5.38 19.96 -6.13
C VAL A 198 -5.19 18.96 -7.26
N ASP A 199 -4.20 19.24 -8.09
CA ASP A 199 -3.86 18.37 -9.20
C ASP A 199 -2.87 17.32 -8.70
N LEU A 200 -2.91 16.12 -9.27
CA LEU A 200 -1.95 15.10 -8.88
C LEU A 200 -0.69 15.24 -9.73
N LYS A 201 0.31 15.93 -9.17
CA LYS A 201 1.58 16.12 -9.84
C LYS A 201 2.66 16.37 -8.82
N GLU A 202 3.89 16.01 -9.16
CA GLU A 202 5.01 16.21 -8.25
C GLU A 202 5.31 17.69 -8.11
N GLY A 203 5.83 18.07 -6.96
CA GLY A 203 6.11 19.45 -6.69
C GLY A 203 5.17 19.97 -5.63
N THR A 204 5.15 21.29 -5.48
CA THR A 204 4.36 21.91 -4.42
C THR A 204 3.26 22.79 -5.00
N GLN A 205 2.08 22.66 -4.42
CA GLN A 205 0.97 23.53 -4.72
C GLN A 205 0.59 24.25 -3.43
N ARG A 206 -0.09 25.37 -3.57
CA ARG A 206 -0.53 26.15 -2.43
C ARG A 206 -1.98 26.54 -2.69
N ILE A 207 -2.89 26.08 -1.84
CA ILE A 207 -4.30 26.36 -2.05
C ILE A 207 -4.99 26.76 -0.77
N GLU A 208 -6.12 27.46 -0.91
CA GLU A 208 -6.92 27.84 0.23
C GLU A 208 -8.14 26.94 0.41
N LEU A 209 -8.37 26.50 1.64
CA LEU A 209 -9.52 25.67 1.94
C LEU A 209 -10.09 26.05 3.28
N ASP A 210 -11.33 26.51 3.29
CA ASP A 210 -12.01 26.87 4.52
C ASP A 210 -11.28 28.03 5.23
N GLY A 211 -10.86 29.01 4.45
CA GLY A 211 -10.24 30.20 5.01
C GLY A 211 -8.84 30.05 5.56
N LYS A 212 -8.12 29.00 5.15
CA LYS A 212 -6.71 28.83 5.49
C LYS A 212 -5.91 28.38 4.28
N TYR A 213 -4.64 28.77 4.20
CA TYR A 213 -3.80 28.26 3.13
C TYR A 213 -3.14 26.97 3.55
N TYR A 214 -3.01 26.05 2.59
CA TYR A 214 -2.35 24.78 2.79
C TYR A 214 -1.27 24.56 1.74
N LEU A 215 -0.13 24.05 2.16
CA LEU A 215 0.87 23.59 1.21
C LEU A 215 0.67 22.09 0.93
N VAL A 216 0.72 21.72 -0.34
CA VAL A 216 0.63 20.31 -0.73
C VAL A 216 1.86 19.88 -1.54
N LYS A 217 2.59 18.89 -1.03
CA LYS A 217 3.72 18.30 -1.75
C LYS A 217 3.41 16.86 -2.17
N PHE A 218 3.59 16.57 -3.46
CA PHE A 218 3.53 15.20 -3.95
C PHE A 218 4.92 14.73 -4.43
N ALA A 219 5.29 13.49 -4.09
CA ALA A 219 6.45 12.83 -4.66
C ALA A 219 6.10 11.41 -5.14
N GLN A 220 6.48 11.09 -6.36
CA GLN A 220 6.13 9.80 -6.92
C GLN A 220 6.93 8.69 -6.25
N VAL A 221 6.31 7.53 -6.10
CA VAL A 221 7.03 6.30 -5.83
C VAL A 221 7.14 5.57 -7.16
N PRO A 222 8.35 5.56 -7.75
CA PRO A 222 8.63 5.00 -9.07
C PRO A 222 8.12 3.57 -9.31
N SER A 223 8.44 2.63 -8.42
CA SER A 223 8.16 1.23 -8.68
C SER A 223 6.67 0.88 -8.81
N GLU A 224 5.79 1.65 -8.16
CA GLU A 224 4.37 1.36 -8.27
C GLU A 224 3.58 2.56 -8.80
N SER A 225 4.29 3.65 -9.08
CA SER A 225 3.69 4.90 -9.54
C SER A 225 2.70 5.45 -8.52
N TRP A 226 2.86 5.04 -7.26
CA TRP A 226 2.16 5.69 -6.16
C TRP A 226 2.65 7.12 -5.96
N TYR A 227 1.83 7.93 -5.30
CA TYR A 227 2.23 9.27 -4.90
C TYR A 227 2.18 9.40 -3.41
N ILE A 228 3.19 10.02 -2.84
CA ILE A 228 3.13 10.42 -1.45
C ILE A 228 2.69 11.87 -1.36
N GLY A 229 1.61 12.11 -0.63
CA GLY A 229 1.12 13.45 -0.42
C GLY A 229 1.43 13.88 0.99
N ALA A 230 1.81 15.16 1.11
CA ALA A 230 1.92 15.80 2.41
C ALA A 230 1.11 17.09 2.30
N VAL A 231 0.24 17.30 3.29
CA VAL A 231 -0.56 18.51 3.42
C VAL A 231 -0.22 19.22 4.73
N VAL A 232 0.10 20.51 4.66
CA VAL A 232 0.33 21.27 5.89
C VAL A 232 -0.35 22.63 5.90
N ASP A 233 -0.99 22.94 7.02
CA ASP A 233 -1.45 24.29 7.28
C ASP A 233 -0.23 25.20 7.22
N GLU A 234 -0.23 26.14 6.27
CA GLU A 234 0.93 27.01 6.05
C GLU A 234 1.31 27.84 7.29
N SER A 235 0.32 28.43 7.95
CA SER A 235 0.55 29.18 9.17
C SER A 235 1.17 28.31 10.27
N ILE A 236 0.60 27.14 10.51
CA ILE A 236 1.18 26.27 11.54
C ILE A 236 2.60 25.84 11.14
N ALA A 237 2.82 25.57 9.86
CA ALA A 237 4.14 25.22 9.35
C ALA A 237 5.17 26.32 9.65
N PHE A 238 4.82 27.56 9.27
CA PHE A 238 5.61 28.76 9.56
C PHE A 238 6.01 28.82 11.02
N ALA A 239 5.05 28.63 11.91
CA ALA A 239 5.31 28.66 13.33
C ALA A 239 6.31 27.57 13.72
N MET A 240 6.01 26.34 13.31
CA MET A 240 6.71 25.17 13.85
C MET A 240 8.04 24.86 13.19
N VAL A 241 8.73 25.90 12.74
CA VAL A 241 10.18 25.79 12.61
C VAL A 241 10.75 26.48 13.85
N ASP A 242 9.93 27.32 14.49
CA ASP A 242 10.25 28.02 15.74
C ASP A 242 11.68 28.56 15.79
N PRO B . -7.91 -11.39 1.26
CA PRO B . -8.11 -12.27 0.09
C PRO B . -9.31 -11.87 -0.76
O PRO B . -10.05 -10.93 -0.43
CB PRO B . -8.34 -13.63 0.73
CG PRO B . -8.82 -13.34 2.13
CD PRO B . -8.09 -12.13 2.53
OXT PRO B . -9.57 -12.51 -1.80
CA CA C . -8.50 -19.25 8.06
C ACT D . -9.62 -19.75 10.90
O ACT D . -10.21 -18.82 10.31
OXT ACT D . -10.10 -20.19 11.97
CH3 ACT D . -8.37 -20.31 10.32
C TRS E . 17.11 20.27 4.70
C1 TRS E . 18.17 19.37 5.30
C2 TRS E . 16.72 21.34 5.71
C3 TRS E . 17.57 20.79 3.33
N TRS E . 15.93 19.44 4.48
O1 TRS E . 19.33 19.51 4.52
O2 TRS E . 16.98 20.89 7.02
O3 TRS E . 18.87 21.32 3.35
C TRS F . -3.12 -12.09 10.58
C1 TRS F . -2.60 -12.78 11.85
C2 TRS F . -4.43 -11.40 10.78
C3 TRS F . -3.33 -13.19 9.54
N TRS F . -2.05 -11.17 10.17
O1 TRS F . -2.67 -11.95 12.98
O2 TRS F . -4.42 -10.10 11.35
O3 TRS F . -2.21 -14.04 9.35
#